data_4LWS
#
_entry.id   4LWS
#
_cell.length_a   56.253
_cell.length_b   69.805
_cell.length_c   128.406
_cell.angle_alpha   90.00
_cell.angle_beta   90.00
_cell.angle_gamma   90.00
#
_symmetry.space_group_name_H-M   'C 2 2 21'
#
loop_
_entity.id
_entity.type
_entity.pdbx_description
1 polymer 'Uncharacterized protein'
2 polymer 'Uncharacterized protein'
3 non-polymer 'ACETATE ION'
4 non-polymer GLYCEROL
5 water water
#
loop_
_entity_poly.entity_id
_entity_poly.type
_entity_poly.pdbx_seq_one_letter_code
_entity_poly.pdbx_strand_id
1 'polypeptide(L)'
;GPSSPSVSDYTRANFGGLSEGEAQFS(MSE)TARALLDELTDLEGKLRAKLDRWDGDAQAAYWNYQKEWDAAAKD(MSE)
QNVVAQLGVAIREAHDNYQAAERANTSIWAG
;
B
2 'polypeptide(L)'
;(MSE)HHHHHHHHGGSEFSIDGGSLEVLFQGPSSPSAPQSAVDRAA(MSE)AQAAQDIEQSANAIRG(MSE)QNQLASAK
DQLRSHWEGDAS(MSE)AFEAVFNRFNEDFSRVLKALDG(MSE)HESLVQTRITYEAREEAAQQSVNRVQALLNG
;
A
#
# COMPACT_ATOMS: atom_id res chain seq x y z
N SER A 4 -10.94 -43.46 -1.72
CA SER A 4 -11.00 -44.11 -0.42
C SER A 4 -11.79 -43.31 0.60
N PRO A 5 -11.45 -42.02 0.78
CA PRO A 5 -12.31 -41.26 1.70
C PRO A 5 -13.69 -41.08 1.10
N SER A 6 -14.69 -40.79 1.93
CA SER A 6 -16.06 -40.56 1.45
C SER A 6 -16.24 -39.16 0.85
N VAL A 7 -17.34 -38.97 0.12
CA VAL A 7 -17.71 -37.64 -0.36
C VAL A 7 -17.77 -36.64 0.79
N SER A 8 -18.33 -37.09 1.92
CA SER A 8 -18.45 -36.25 3.13
C SER A 8 -17.10 -35.81 3.72
N ASP A 9 -16.15 -36.75 3.81
CA ASP A 9 -14.78 -36.45 4.24
C ASP A 9 -14.13 -35.36 3.39
N TYR A 10 -14.21 -35.51 2.07
CA TYR A 10 -13.62 -34.52 1.17
C TYR A 10 -14.35 -33.17 1.27
N THR A 11 -15.67 -33.22 1.43
CA THR A 11 -16.47 -32.00 1.54
C THR A 11 -16.10 -31.15 2.76
N ARG A 12 -15.97 -31.79 3.91
CA ARG A 12 -15.57 -31.08 5.14
C ARG A 12 -14.15 -30.54 5.03
N ALA A 13 -13.27 -31.31 4.40
CA ALA A 13 -11.92 -30.85 4.14
C ALA A 13 -11.90 -29.59 3.25
N ASN A 14 -12.78 -29.55 2.24
CA ASN A 14 -12.84 -28.38 1.35
C ASN A 14 -13.36 -27.14 2.08
N PHE A 15 -14.36 -27.31 2.93
CA PHE A 15 -14.87 -26.18 3.69
C PHE A 15 -13.87 -25.66 4.73
N GLY A 16 -13.03 -26.57 5.24
CA GLY A 16 -11.93 -26.18 6.11
C GLY A 16 -10.91 -25.28 5.43
N GLY A 17 -10.53 -25.66 4.21
CA GLY A 17 -9.62 -24.86 3.40
C GLY A 17 -10.16 -23.50 3.00
N LEU A 18 -11.45 -23.44 2.64
CA LEU A 18 -12.10 -22.18 2.29
C LEU A 18 -12.07 -21.21 3.48
N SER A 19 -12.37 -21.74 4.66
CA SER A 19 -12.37 -20.95 5.90
C SER A 19 -10.98 -20.41 6.26
N GLU A 20 -9.95 -21.26 6.13
CA GLU A 20 -8.58 -20.85 6.42
C GLU A 20 -8.08 -19.81 5.42
N GLY A 21 -8.36 -20.03 4.14
CA GLY A 21 -7.99 -19.07 3.11
C GLY A 21 -8.67 -17.72 3.30
N GLU A 22 -9.96 -17.72 3.58
CA GLU A 22 -10.71 -16.47 3.79
C GLU A 22 -10.14 -15.66 4.97
N ALA A 23 -9.76 -16.35 6.04
CA ALA A 23 -9.17 -15.67 7.20
C ALA A 23 -7.78 -15.03 6.92
N GLN A 24 -6.95 -15.71 6.13
CA GLN A 24 -5.64 -15.18 5.77
C GLN A 24 -5.77 -13.94 4.87
N PHE A 25 -6.63 -14.00 3.87
CA PHE A 25 -6.85 -12.84 2.99
C PHE A 25 -7.43 -11.66 3.79
N SER A 26 -8.27 -11.96 4.79
CA SER A 26 -8.83 -10.89 5.63
CA SER A 26 -8.83 -10.90 5.63
C SER A 26 -7.77 -10.20 6.48
N THR A 28 -4.50 -10.06 5.85
CA THR A 28 -3.65 -9.27 4.94
C THR A 28 -4.32 -7.93 4.56
N ALA A 29 -5.62 -7.93 4.27
CA ALA A 29 -6.29 -6.67 3.93
C ALA A 29 -6.31 -5.67 5.10
N ARG A 30 -6.52 -6.19 6.30
CA ARG A 30 -6.56 -5.33 7.50
C ARG A 30 -5.18 -4.76 7.82
N ALA A 31 -4.13 -5.57 7.65
CA ALA A 31 -2.76 -5.11 7.89
C ALA A 31 -2.38 -3.97 6.94
N LEU A 32 -2.72 -4.09 5.65
CA LEU A 32 -2.44 -3.02 4.69
C LEU A 32 -3.18 -1.70 5.01
N LEU A 33 -4.45 -1.80 5.41
CA LEU A 33 -5.24 -0.62 5.81
C LEU A 33 -4.61 0.10 6.99
N ASP A 34 -4.18 -0.63 8.01
CA ASP A 34 -3.49 -0.03 9.16
C ASP A 34 -2.21 0.73 8.79
N GLU A 35 -1.40 0.12 7.93
CA GLU A 35 -0.12 0.70 7.52
C GLU A 35 -0.30 1.99 6.74
N LEU A 36 -1.30 2.02 5.85
CA LEU A 36 -1.56 3.23 5.07
C LEU A 36 -2.19 4.34 5.92
N THR A 37 -3.04 3.98 6.87
CA THR A 37 -3.63 4.98 7.76
C THR A 37 -2.54 5.65 8.61
N ASP A 38 -1.61 4.85 9.10
CA ASP A 38 -0.46 5.37 9.84
C ASP A 38 0.40 6.31 8.99
N LEU A 39 0.65 5.93 7.73
CA LEU A 39 1.47 6.77 6.84
C LEU A 39 0.80 8.11 6.54
N GLU A 40 -0.52 8.09 6.29
CA GLU A 40 -1.25 9.32 6.00
C GLU A 40 -1.18 10.32 7.16
N GLY A 41 -1.12 9.80 8.39
CA GLY A 41 -1.01 10.65 9.55
C GLY A 41 0.33 11.37 9.54
N LYS A 42 1.39 10.59 9.27
CA LYS A 42 2.74 11.13 9.20
C LYS A 42 2.93 12.17 8.10
N LEU A 43 2.38 11.92 6.91
CA LEU A 43 2.53 12.81 5.77
C LEU A 43 1.76 14.13 5.98
N ARG A 44 0.59 14.04 6.59
CA ARG A 44 -0.25 15.24 6.82
C ARG A 44 0.28 16.20 7.89
N ALA A 45 1.20 15.74 8.73
CA ALA A 45 1.70 16.54 9.85
C ALA A 45 2.25 17.91 9.40
N LYS A 46 2.98 17.92 8.30
CA LYS A 46 3.59 19.14 7.80
C LYS A 46 3.32 19.36 6.30
N LEU A 47 2.20 18.81 5.82
CA LEU A 47 1.78 18.98 4.43
C LEU A 47 1.77 20.46 3.98
N ASP A 48 1.48 21.36 4.92
CA ASP A 48 1.40 22.81 4.64
C ASP A 48 2.74 23.38 4.17
N ARG A 49 3.83 22.72 4.57
CA ARG A 49 5.16 23.23 4.29
C ARG A 49 5.76 22.70 3.00
N TRP A 50 5.05 21.78 2.34
CA TRP A 50 5.50 21.26 1.06
C TRP A 50 5.31 22.28 -0.06
N ASP A 51 6.08 22.12 -1.13
CA ASP A 51 5.87 22.89 -2.36
C ASP A 51 4.44 22.67 -2.90
N GLY A 52 3.89 23.68 -3.56
CA GLY A 52 2.55 23.59 -4.13
C GLY A 52 2.28 22.40 -5.04
N ASP A 53 3.23 22.10 -5.93
CA ASP A 53 3.09 20.99 -6.87
C ASP A 53 3.11 19.63 -6.17
N ALA A 54 3.89 19.54 -5.10
CA ALA A 54 3.97 18.29 -4.33
C ALA A 54 2.68 18.07 -3.54
N GLN A 55 2.08 19.16 -3.06
CA GLN A 55 0.80 19.06 -2.34
C GLN A 55 -0.28 18.52 -3.27
N ALA A 56 -0.28 18.99 -4.51
CA ALA A 56 -1.25 18.55 -5.49
C ALA A 56 -1.06 17.08 -5.82
N ALA A 57 0.21 16.67 -5.87
CA ALA A 57 0.55 15.28 -6.12
C ALA A 57 -0.01 14.37 -5.02
N TYR A 58 0.08 14.84 -3.77
CA TYR A 58 -0.39 14.03 -2.65
C TYR A 58 -1.86 13.63 -2.78
N TRP A 59 -2.73 14.58 -3.12
CA TRP A 59 -4.17 14.29 -3.20
C TRP A 59 -4.50 13.28 -4.31
N ASN A 60 -3.78 13.35 -5.43
CA ASN A 60 -3.96 12.36 -6.50
C ASN A 60 -3.43 10.98 -6.13
N TYR A 61 -2.23 10.90 -5.56
CA TYR A 61 -1.64 9.60 -5.18
C TYR A 61 -2.35 8.93 -3.99
N GLN A 62 -2.78 9.72 -3.02
N GLN A 62 -2.77 9.73 -3.01
CA GLN A 62 -3.52 9.18 -1.88
CA GLN A 62 -3.53 9.20 -1.87
C GLN A 62 -4.84 8.56 -2.33
C GLN A 62 -4.81 8.55 -2.36
N LYS A 63 -5.51 9.23 -3.26
CA LYS A 63 -6.73 8.70 -3.86
CA LYS A 63 -6.74 8.69 -3.85
C LYS A 63 -6.52 7.32 -4.47
N GLU A 64 -5.39 7.15 -5.15
CA GLU A 64 -5.10 5.87 -5.80
C GLU A 64 -4.74 4.74 -4.83
N TRP A 65 -3.91 5.01 -3.83
CA TRP A 65 -3.55 3.92 -2.93
C TRP A 65 -4.73 3.52 -2.03
N ASP A 66 -5.60 4.47 -1.73
N ASP A 66 -5.59 4.48 -1.71
CA ASP A 66 -6.76 4.16 -0.90
CA ASP A 66 -6.78 4.18 -0.90
C ASP A 66 -7.78 3.32 -1.67
C ASP A 66 -7.78 3.32 -1.66
N ALA A 67 -7.94 3.60 -2.95
CA ALA A 67 -8.85 2.82 -3.79
C ALA A 67 -8.37 1.37 -3.94
N ALA A 68 -7.07 1.18 -4.14
CA ALA A 68 -6.52 -0.16 -4.26
C ALA A 68 -6.71 -0.95 -2.96
N ALA A 69 -6.50 -0.30 -1.83
CA ALA A 69 -6.71 -0.97 -0.54
C ALA A 69 -8.20 -1.30 -0.32
N LYS A 70 -9.08 -0.39 -0.71
CA LYS A 70 -10.52 -0.62 -0.56
C LYS A 70 -10.99 -1.80 -1.40
N ASP A 71 -10.37 -1.99 -2.55
CA ASP A 71 -10.70 -3.12 -3.41
C ASP A 71 -10.43 -4.49 -2.75
N GLN A 73 -10.54 -5.07 0.39
CA GLN A 73 -11.55 -5.19 1.42
C GLN A 73 -12.92 -5.63 0.85
N ASN A 74 -13.31 -5.06 -0.29
CA ASN A 74 -14.53 -5.49 -1.00
C ASN A 74 -14.48 -6.96 -1.45
N VAL A 75 -13.32 -7.40 -1.92
CA VAL A 75 -13.14 -8.79 -2.36
C VAL A 75 -13.35 -9.79 -1.21
N VAL A 76 -12.79 -9.47 -0.04
CA VAL A 76 -12.93 -10.39 1.09
C VAL A 76 -14.36 -10.41 1.64
N ALA A 77 -15.05 -9.28 1.57
CA ALA A 77 -16.46 -9.22 1.98
C ALA A 77 -17.33 -10.12 1.10
N GLN A 78 -17.19 -9.99 -0.22
CA GLN A 78 -17.95 -10.83 -1.15
C GLN A 78 -17.63 -12.32 -1.01
N LEU A 79 -16.34 -12.64 -0.82
CA LEU A 79 -15.96 -14.03 -0.67
C LEU A 79 -16.57 -14.63 0.60
N GLY A 80 -16.61 -13.84 1.67
CA GLY A 80 -17.20 -14.27 2.92
C GLY A 80 -18.68 -14.61 2.78
N VAL A 81 -19.42 -13.75 2.09
CA VAL A 81 -20.84 -14.02 1.82
C VAL A 81 -21.04 -15.30 0.99
N ALA A 82 -20.28 -15.43 -0.10
CA ALA A 82 -20.38 -16.63 -0.96
C ALA A 82 -20.11 -17.96 -0.23
N ILE A 83 -19.14 -17.96 0.67
CA ILE A 83 -18.79 -19.14 1.45
C ILE A 83 -19.93 -19.51 2.42
N ARG A 84 -20.51 -18.51 3.07
CA ARG A 84 -21.66 -18.74 3.96
C ARG A 84 -22.85 -19.35 3.22
N GLU A 85 -23.19 -18.78 2.06
CA GLU A 85 -24.32 -19.29 1.28
C GLU A 85 -24.08 -20.70 0.72
N ALA A 86 -22.82 -21.00 0.37
CA ALA A 86 -22.43 -22.36 -0.01
C ALA A 86 -22.67 -23.36 1.15
N HIS A 87 -22.49 -22.90 2.38
CA HIS A 87 -22.84 -23.69 3.57
C HIS A 87 -24.35 -23.72 3.86
N ASP A 88 -25.16 -23.20 2.95
CA ASP A 88 -26.63 -23.11 3.14
C ASP A 88 -27.04 -22.22 4.31
N ASN A 89 -26.23 -21.22 4.63
CA ASN A 89 -26.53 -20.33 5.75
C ASN A 89 -26.88 -18.94 5.21
N TYR A 90 -28.17 -18.58 5.29
CA TYR A 90 -28.63 -17.31 4.73
C TYR A 90 -28.88 -16.23 5.79
N GLN A 91 -28.32 -16.42 6.98
CA GLN A 91 -28.38 -15.41 8.03
C GLN A 91 -27.02 -14.73 8.18
N GLN B 35 13.50 29.00 5.35
CA GLN B 35 12.21 28.73 4.71
C GLN B 35 12.36 27.71 3.59
N SER B 36 13.27 27.97 2.65
CA SER B 36 13.56 27.01 1.59
C SER B 36 14.26 25.79 2.17
N ALA B 37 15.18 26.04 3.11
CA ALA B 37 15.92 24.96 3.76
C ALA B 37 15.09 24.16 4.76
N VAL B 38 14.08 24.80 5.37
CA VAL B 38 13.18 24.10 6.27
C VAL B 38 12.16 23.27 5.49
N ASP B 39 11.63 23.83 4.41
CA ASP B 39 10.71 23.11 3.53
C ASP B 39 11.36 21.84 3.00
N ARG B 40 12.66 21.89 2.74
CA ARG B 40 13.37 20.69 2.26
C ARG B 40 13.45 19.59 3.32
N ALA B 41 13.41 19.98 4.59
CA ALA B 41 13.57 19.03 5.69
C ALA B 41 12.28 18.27 5.98
N ALA B 42 11.16 18.99 5.98
CA ALA B 42 9.87 18.36 6.12
C ALA B 42 9.64 17.36 4.99
N ALA B 44 11.98 15.89 3.19
CA ALA B 44 12.95 14.80 3.26
C ALA B 44 12.48 13.72 4.25
N GLN B 45 11.89 14.15 5.36
CA GLN B 45 11.33 13.22 6.35
C GLN B 45 10.15 12.45 5.78
N ALA B 46 9.33 13.13 4.97
CA ALA B 46 8.21 12.49 4.28
C ALA B 46 8.69 11.38 3.34
N ALA B 47 9.80 11.64 2.63
CA ALA B 47 10.39 10.63 1.75
C ALA B 47 10.88 9.38 2.49
N GLN B 48 11.52 9.57 3.64
CA GLN B 48 11.97 8.46 4.47
C GLN B 48 10.80 7.59 4.94
N ASP B 49 9.73 8.23 5.42
CA ASP B 49 8.54 7.51 5.89
C ASP B 49 7.91 6.65 4.79
N ILE B 50 7.75 7.23 3.61
CA ILE B 50 7.23 6.49 2.46
C ILE B 50 8.10 5.25 2.15
N GLU B 51 9.41 5.40 2.23
CA GLU B 51 10.32 4.27 2.00
C GLU B 51 10.17 3.14 3.03
N GLN B 52 9.95 3.50 4.29
CA GLN B 52 9.69 2.50 5.34
CA GLN B 52 9.71 2.48 5.32
C GLN B 52 8.37 1.75 5.11
N SER B 53 7.32 2.50 4.76
CA SER B 53 6.02 1.86 4.49
C SER B 53 6.05 0.93 3.30
N ALA B 54 6.73 1.34 2.23
CA ALA B 54 6.85 0.53 1.03
C ALA B 54 7.54 -0.80 1.33
N ASN B 55 8.58 -0.77 2.15
CA ASN B 55 9.29 -1.98 2.55
CA ASN B 55 9.29 -1.97 2.55
C ASN B 55 8.38 -2.92 3.32
N ALA B 56 7.58 -2.38 4.25
CA ALA B 56 6.64 -3.17 5.03
C ALA B 56 5.58 -3.84 4.15
N ILE B 57 5.11 -3.10 3.15
CA ILE B 57 4.09 -3.60 2.22
C ILE B 57 4.63 -4.74 1.33
N ARG B 58 5.89 -4.64 0.87
CA ARG B 58 6.51 -5.78 0.17
C ARG B 58 6.58 -7.03 1.05
N GLY B 59 6.87 -6.85 2.34
CA GLY B 59 6.88 -7.97 3.28
C GLY B 59 5.52 -8.65 3.43
N GLN B 61 3.20 -8.81 1.08
CA GLN B 61 2.96 -9.59 -0.13
C GLN B 61 3.70 -10.92 -0.07
N ASN B 62 4.94 -10.90 0.38
CA ASN B 62 5.72 -12.14 0.52
C ASN B 62 5.11 -13.11 1.53
N GLN B 63 4.56 -12.57 2.62
CA GLN B 63 3.94 -13.43 3.63
C GLN B 63 2.66 -14.08 3.15
N LEU B 64 1.88 -13.35 2.34
CA LEU B 64 0.66 -13.91 1.76
C LEU B 64 1.01 -15.07 0.82
N ALA B 65 2.06 -14.86 0.02
CA ALA B 65 2.52 -15.88 -0.93
C ALA B 65 2.92 -17.18 -0.22
N SER B 66 3.71 -17.06 0.86
CA SER B 66 4.09 -18.22 1.69
C SER B 66 2.93 -18.93 2.37
N ALA B 67 1.98 -18.15 2.90
CA ALA B 67 0.79 -18.73 3.53
C ALA B 67 -0.03 -19.53 2.52
N LYS B 68 -0.12 -19.01 1.30
CA LYS B 68 -0.90 -19.65 0.25
C LYS B 68 -0.30 -21.00 -0.17
N ASP B 69 1.03 -21.06 -0.23
CA ASP B 69 1.70 -22.33 -0.57
C ASP B 69 1.47 -23.40 0.49
N GLN B 70 1.50 -23.00 1.76
CA GLN B 70 1.28 -23.92 2.86
C GLN B 70 -0.16 -24.47 2.83
N LEU B 71 -1.12 -23.59 2.51
CA LEU B 71 -2.53 -23.98 2.48
C LEU B 71 -2.79 -25.00 1.37
N ARG B 72 -2.17 -24.78 0.23
CA ARG B 72 -2.35 -25.65 -0.93
C ARG B 72 -1.63 -27.01 -0.78
N SER B 73 -0.57 -27.06 0.03
CA SER B 73 0.36 -28.19 0.03
C SER B 73 -0.26 -29.58 0.27
N HIS B 74 -1.21 -29.69 1.18
CA HIS B 74 -1.85 -30.99 1.42
C HIS B 74 -3.31 -31.00 1.00
N TRP B 75 -3.68 -30.05 0.15
CA TRP B 75 -5.06 -29.95 -0.36
C TRP B 75 -5.20 -30.77 -1.64
N GLU B 76 -5.92 -31.89 -1.58
CA GLU B 76 -5.97 -32.87 -2.68
C GLU B 76 -6.94 -32.52 -3.82
N GLY B 77 -6.47 -32.71 -5.05
CA GLY B 77 -7.31 -32.52 -6.24
C GLY B 77 -7.37 -31.11 -6.79
N ASP B 78 -8.26 -30.90 -7.76
CA ASP B 78 -8.38 -29.60 -8.43
C ASP B 78 -8.93 -28.52 -7.50
N ALA B 79 -9.54 -28.94 -6.40
CA ALA B 79 -10.11 -28.00 -5.42
C ALA B 79 -9.04 -27.09 -4.80
N SER B 80 -7.79 -27.55 -4.82
CA SER B 80 -6.67 -26.78 -4.26
C SER B 80 -6.36 -25.49 -5.04
N ALA B 82 -8.75 -23.20 -5.68
CA ALA B 82 -9.87 -22.29 -5.39
C ALA B 82 -9.49 -20.81 -5.20
N PHE B 83 -8.25 -20.52 -4.79
CA PHE B 83 -7.88 -19.15 -4.45
C PHE B 83 -6.93 -18.47 -5.45
N GLU B 84 -6.69 -19.10 -6.59
CA GLU B 84 -5.78 -18.54 -7.59
C GLU B 84 -6.25 -17.20 -8.14
N ALA B 85 -7.53 -17.10 -8.45
CA ALA B 85 -8.07 -15.85 -8.98
C ALA B 85 -8.03 -14.70 -7.96
N VAL B 86 -8.33 -15.02 -6.69
CA VAL B 86 -8.28 -14.04 -5.60
C VAL B 86 -6.83 -13.61 -5.31
N PHE B 87 -5.90 -14.57 -5.37
CA PHE B 87 -4.47 -14.24 -5.15
C PHE B 87 -3.97 -13.28 -6.22
N ASN B 88 -4.34 -13.53 -7.48
CA ASN B 88 -3.95 -12.63 -8.58
C ASN B 88 -4.54 -11.23 -8.41
N ARG B 89 -5.74 -11.16 -7.86
CA ARG B 89 -6.42 -9.89 -7.64
C ARG B 89 -5.73 -9.07 -6.55
N PHE B 90 -5.33 -9.72 -5.45
CA PHE B 90 -4.56 -9.06 -4.40
C PHE B 90 -3.21 -8.55 -4.94
N ASN B 91 -2.58 -9.35 -5.79
CA ASN B 91 -1.29 -8.94 -6.37
C ASN B 91 -1.43 -7.70 -7.25
N GLU B 92 -2.54 -7.61 -7.96
CA GLU B 92 -2.82 -6.41 -8.77
C GLU B 92 -3.03 -5.17 -7.91
N ASP B 93 -3.63 -5.36 -6.74
CA ASP B 93 -3.82 -4.25 -5.80
C ASP B 93 -2.51 -3.82 -5.13
N PHE B 94 -1.70 -4.80 -4.70
CA PHE B 94 -0.36 -4.51 -4.17
C PHE B 94 0.44 -3.70 -5.19
N SER B 95 0.41 -4.09 -6.46
CA SER B 95 1.10 -3.36 -7.53
C SER B 95 0.66 -1.89 -7.64
N ARG B 96 -0.65 -1.66 -7.62
CA ARG B 96 -1.18 -0.30 -7.67
C ARG B 96 -0.72 0.55 -6.47
N VAL B 97 -0.74 -0.03 -5.27
CA VAL B 97 -0.28 0.71 -4.08
C VAL B 97 1.18 1.11 -4.20
N LEU B 98 2.05 0.15 -4.55
CA LEU B 98 3.49 0.42 -4.64
C LEU B 98 3.84 1.45 -5.72
N LYS B 99 3.15 1.42 -6.85
CA LYS B 99 3.39 2.41 -7.91
CA LYS B 99 3.37 2.40 -7.92
C LYS B 99 3.02 3.83 -7.49
N ALA B 100 1.93 3.96 -6.73
CA ALA B 100 1.50 5.28 -6.25
C ALA B 100 2.46 5.83 -5.19
N LEU B 101 2.99 4.95 -4.34
CA LEU B 101 4.00 5.34 -3.34
C LEU B 101 5.29 5.80 -4.04
N ASP B 102 5.72 5.04 -5.06
CA ASP B 102 6.91 5.41 -5.82
C ASP B 102 6.74 6.73 -6.56
N GLY B 103 5.52 7.00 -7.05
CA GLY B 103 5.21 8.24 -7.73
C GLY B 103 5.34 9.44 -6.83
N HIS B 105 7.08 9.45 -3.91
CA HIS B 105 8.48 9.50 -3.50
C HIS B 105 9.36 10.26 -4.50
N GLU B 106 9.20 9.95 -5.79
CA GLU B 106 9.97 10.62 -6.84
C GLU B 106 9.67 12.12 -6.89
N SER B 107 8.40 12.49 -6.68
CA SER B 107 8.00 13.90 -6.62
C SER B 107 8.70 14.68 -5.51
N LEU B 108 8.79 14.08 -4.32
CA LEU B 108 9.45 14.72 -3.19
C LEU B 108 10.97 14.89 -3.43
N VAL B 109 11.62 13.85 -3.96
CA VAL B 109 13.05 13.91 -4.23
C VAL B 109 13.41 14.94 -5.30
N GLN B 110 12.68 14.95 -6.41
CA GLN B 110 12.97 15.94 -7.45
C GLN B 110 12.74 17.38 -6.97
N THR B 111 11.71 17.58 -6.15
CA THR B 111 11.45 18.92 -5.61
C THR B 111 12.58 19.39 -4.69
N ARG B 112 13.14 18.46 -3.91
CA ARG B 112 14.28 18.81 -3.06
C ARG B 112 15.48 19.26 -3.90
N ILE B 113 15.70 18.57 -5.02
CA ILE B 113 16.79 18.91 -5.94
C ILE B 113 16.59 20.28 -6.59
N THR B 114 15.36 20.58 -7.00
CA THR B 114 15.01 21.91 -7.52
C THR B 114 15.27 23.04 -6.52
N TYR B 115 14.90 22.84 -5.27
CA TYR B 115 15.14 23.81 -4.21
C TYR B 115 16.64 24.03 -3.97
N GLU B 116 17.44 22.97 -4.07
CA GLU B 116 18.89 23.08 -3.98
C GLU B 116 19.45 23.93 -5.11
N ALA B 117 18.97 23.68 -6.32
CA ALA B 117 19.43 24.48 -7.45
C ALA B 117 19.11 25.97 -7.29
N ARG B 118 17.89 26.27 -6.80
CA ARG B 118 17.50 27.68 -6.54
C ARG B 118 18.38 28.36 -5.50
N GLU B 119 18.73 27.64 -4.43
CA GLU B 119 19.54 28.21 -3.36
C GLU B 119 20.95 28.55 -3.83
N GLU B 120 21.55 27.66 -4.60
CA GLU B 120 22.90 27.87 -5.12
C GLU B 120 22.95 29.09 -6.03
N ALA B 121 21.90 29.26 -6.84
CA ALA B 121 21.82 30.39 -7.75
C ALA B 121 21.66 31.71 -6.99
N ALA B 122 20.86 31.68 -5.93
CA ALA B 122 20.65 32.86 -5.09
C ALA B 122 21.96 33.30 -4.43
N GLN B 123 22.80 32.33 -4.06
CA GLN B 123 24.06 32.63 -3.40
C GLN B 123 25.05 33.37 -4.30
N GLN B 124 24.96 33.16 -5.61
CA GLN B 124 25.88 33.85 -6.52
C GLN B 124 25.24 35.07 -7.21
N SER B 125 24.04 35.45 -6.77
CA SER B 125 23.37 36.62 -7.37
C SER B 125 22.70 37.54 -6.34
N VAL B 126 21.44 37.28 -6.00
CA VAL B 126 20.69 38.10 -5.05
C VAL B 126 21.38 38.26 -3.69
N ASN B 127 21.83 37.15 -3.10
CA ASN B 127 22.47 37.16 -1.79
C ASN B 127 23.82 37.87 -1.85
N ARG B 128 24.46 37.81 -3.01
CA ARG B 128 25.73 38.48 -3.22
C ARG B 128 25.56 40.01 -3.25
N VAL B 129 24.49 40.48 -3.90
CA VAL B 129 24.12 41.90 -3.88
C VAL B 129 23.90 42.42 -2.45
N GLN B 130 23.19 41.64 -1.64
CA GLN B 130 22.94 42.03 -0.24
C GLN B 130 24.23 42.13 0.56
N ALA B 131 25.13 41.17 0.39
CA ALA B 131 26.43 41.17 1.04
C ALA B 131 27.30 42.35 0.65
N LEU B 132 27.35 42.65 -0.65
CA LEU B 132 28.15 43.75 -1.17
C LEU B 132 27.65 45.11 -0.67
N LEU B 133 26.35 45.23 -0.49
CA LEU B 133 25.74 46.46 0.02
C LEU B 133 26.18 46.74 1.46
N ASN B 134 26.26 45.69 2.27
CA ASN B 134 26.76 45.83 3.63
C ASN B 134 27.84 44.81 3.99
#